data_9J90
#
_entry.id   9J90
#
_cell.length_a   55.681
_cell.length_b   90.108
_cell.length_c   90.453
_cell.angle_alpha   90.00
_cell.angle_beta   90.00
_cell.angle_gamma   90.00
#
_symmetry.space_group_name_H-M   'P 21 21 21'
#
loop_
_entity.id
_entity.type
_entity.pdbx_description
1 polymer 'Nus factor SuhB'
2 non-polymer (2S,3S)-1,4-DIMERCAPTOBUTANE-2,3-DIOL
3 non-polymer '3,4,5-trihydroxybenzoic acid'
4 water water
#
_entity_poly.entity_id   1
_entity_poly.type   'polypeptide(L)'
_entity_poly.pdbx_seq_one_letter_code
;MQPMLNIALRAARSAGELIFRSIERLDVISVNEKDAKDYVTEVDRAAEQTIVAALRKAYPTHAIMGEEGGLIEGSGEGAD
YLWVIDPLDGTTNFIHGVPHFAVSIACKYKGRLEHAVVLDPVRQEEFTASRGRGAALNGRRLRVSGRKSLEGALLGTGFP
FRDNQIDNLDNYLNMFRSLVGQTAGIRRAGAASLDLAYVAAGRYDAFWEFGLSEWDMAAGALLVQEAGGLVSDFTGSHEF
LEKGHIVAGNTKCFKALLTTIQPHLPPSLKR
;
_entity_poly.pdbx_strand_id   B,A
#
loop_
_chem_comp.id
_chem_comp.type
_chem_comp.name
_chem_comp.formula
DTV non-polymer (2S,3S)-1,4-DIMERCAPTOBUTANE-2,3-DIOL 'C4 H10 O2 S2'
GDE non-polymer '3,4,5-trihydroxybenzoic acid' 'C7 H6 O5'
#
# COMPACT_ATOMS: atom_id res chain seq x y z
N MET A 1 12.91 -7.92 25.58
CA MET A 1 13.54 -8.40 24.29
C MET A 1 14.81 -9.16 24.59
N GLN A 2 14.98 -10.30 23.91
CA GLN A 2 15.95 -11.34 24.24
C GLN A 2 17.15 -11.14 23.35
N PRO A 3 18.40 -11.45 23.79
CA PRO A 3 19.56 -11.08 23.00
C PRO A 3 19.55 -11.57 21.55
N MET A 4 19.02 -12.77 21.30
CA MET A 4 18.94 -13.29 19.93
C MET A 4 18.04 -12.39 19.05
N LEU A 5 16.93 -11.93 19.61
CA LEU A 5 16.04 -11.04 18.87
C LEU A 5 16.70 -9.69 18.64
N ASN A 6 17.44 -9.20 19.61
CA ASN A 6 18.14 -7.90 19.44
C ASN A 6 19.20 -8.01 18.36
N ILE A 7 19.92 -9.12 18.31
CA ILE A 7 20.90 -9.35 17.23
C ILE A 7 20.18 -9.30 15.90
N ALA A 8 19.08 -10.03 15.77
CA ALA A 8 18.31 -10.06 14.51
C ALA A 8 17.85 -8.65 14.16
N LEU A 9 17.43 -7.89 15.15
CA LEU A 9 16.91 -6.53 14.92
C LEU A 9 18.00 -5.60 14.42
N ARG A 10 19.19 -5.65 14.99
CA ARG A 10 20.31 -4.82 14.52
C ARG A 10 20.73 -5.23 13.12
N ALA A 11 20.72 -6.52 12.82
CA ALA A 11 21.01 -6.98 11.44
C ALA A 11 19.98 -6.40 10.46
N ALA A 12 18.71 -6.44 10.83
CA ALA A 12 17.66 -5.88 9.98
C ALA A 12 17.84 -4.37 9.82
N ARG A 13 18.23 -3.68 10.88
CA ARG A 13 18.45 -2.21 10.80
C ARG A 13 19.56 -1.89 9.80
N SER A 14 20.68 -2.57 9.87
CA SER A 14 21.79 -2.30 8.94
C SER A 14 21.36 -2.58 7.51
N ALA A 15 20.75 -3.73 7.27
CA ALA A 15 20.25 -4.06 5.92
C ALA A 15 19.28 -2.99 5.44
N GLY A 16 18.40 -2.53 6.31
CA GLY A 16 17.39 -1.55 5.92
C GLY A 16 17.97 -0.21 5.60
N GLU A 17 18.99 0.22 6.32
CA GLU A 17 19.71 1.46 5.99
C GLU A 17 20.35 1.34 4.60
N LEU A 18 20.94 0.18 4.31
CA LEU A 18 21.51 -0.05 2.98
C LEU A 18 20.43 0.06 1.90
N ILE A 19 19.31 -0.61 2.13
CA ILE A 19 18.18 -0.61 1.16
C ILE A 19 17.66 0.82 0.96
N PHE A 20 17.59 1.58 2.04
CA PHE A 20 17.05 2.96 1.98
C PHE A 20 17.96 3.86 1.16
N ARG A 21 19.26 3.79 1.39
CA ARG A 21 20.20 4.57 0.55
C ARG A 21 20.05 4.14 -0.92
N SER A 22 19.89 2.84 -1.15
CA SER A 22 19.75 2.34 -2.53
C SER A 22 18.52 2.94 -3.22
N ILE A 23 17.38 2.92 -2.54
CA ILE A 23 16.13 3.49 -3.13
C ILE A 23 16.34 4.96 -3.40
N GLU A 24 17.02 5.66 -2.50
CA GLU A 24 17.21 7.11 -2.68
C GLU A 24 17.74 7.50 -4.05
N ARG A 25 18.69 6.76 -4.60
CA ARG A 25 19.33 7.21 -5.86
C ARG A 25 18.42 7.01 -7.08
N LEU A 26 17.68 5.91 -7.11
CA LEU A 26 17.21 5.31 -8.39
C LEU A 26 16.18 6.24 -9.06
N VAL A 31 18.95 4.57 -15.10
CA VAL A 31 18.27 3.32 -14.65
C VAL A 31 17.08 3.04 -15.59
N ASN A 32 17.20 2.02 -16.45
CA ASN A 32 16.16 1.55 -17.40
C ASN A 32 15.90 0.05 -17.14
N GLU A 33 14.94 -0.54 -17.84
CA GLU A 33 14.37 -1.87 -17.53
C GLU A 33 15.46 -2.94 -17.35
N LYS A 34 16.28 -3.17 -18.39
CA LYS A 34 17.23 -4.32 -18.46
C LYS A 34 18.15 -4.36 -17.23
N ASP A 35 18.72 -3.22 -16.87
CA ASP A 35 19.64 -3.03 -15.73
C ASP A 35 18.91 -3.21 -14.39
N ALA A 36 17.59 -3.10 -14.37
CA ALA A 36 16.78 -3.07 -13.13
C ALA A 36 16.98 -4.35 -12.34
N LYS A 37 16.86 -5.48 -13.01
CA LYS A 37 17.01 -6.79 -12.34
C LYS A 37 18.41 -6.95 -11.75
N ASP A 38 19.43 -6.46 -12.46
CA ASP A 38 20.80 -6.57 -11.95
C ASP A 38 21.01 -5.66 -10.75
N TYR A 39 20.50 -4.44 -10.81
CA TYR A 39 20.53 -3.55 -9.63
C TYR A 39 19.82 -4.22 -8.43
N VAL A 40 18.70 -4.85 -8.65
CA VAL A 40 17.98 -5.48 -7.55
C VAL A 40 18.73 -6.69 -7.00
N THR A 41 19.29 -7.52 -7.86
CA THR A 41 20.13 -8.63 -7.38
C THR A 41 21.31 -8.10 -6.56
N GLU A 42 21.94 -7.03 -7.01
CA GLU A 42 23.03 -6.39 -6.26
C GLU A 42 22.58 -5.96 -4.86
N VAL A 43 21.54 -5.16 -4.78
CA VAL A 43 21.06 -4.64 -3.47
C VAL A 43 20.62 -5.82 -2.59
N ASP A 44 19.88 -6.76 -3.15
CA ASP A 44 19.47 -7.98 -2.45
C ASP A 44 20.67 -8.68 -1.80
N ARG A 45 21.70 -8.93 -2.58
CA ARG A 45 22.86 -9.70 -2.08
C ARG A 45 23.68 -8.87 -1.09
N ALA A 46 23.76 -7.56 -1.28
CA ALA A 46 24.46 -6.71 -0.32
C ALA A 46 23.74 -6.69 1.02
N ALA A 47 22.42 -6.56 0.99
CA ALA A 47 21.62 -6.59 2.24
C ALA A 47 21.72 -7.96 2.91
N GLU A 48 21.69 -9.02 2.11
CA GLU A 48 21.82 -10.37 2.68
C GLU A 48 23.19 -10.54 3.33
N GLN A 49 24.24 -10.09 2.66
CA GLN A 49 25.59 -10.14 3.26
C GLN A 49 25.60 -9.39 4.60
N THR A 50 25.04 -8.20 4.63
CA THR A 50 24.96 -7.42 5.87
C THR A 50 24.32 -8.25 6.99
N ILE A 51 23.14 -8.80 6.70
CA ILE A 51 22.38 -9.58 7.69
C ILE A 51 23.21 -10.78 8.16
N VAL A 52 23.71 -11.54 7.20
CA VAL A 52 24.36 -12.83 7.52
C VAL A 52 25.67 -12.61 8.27
N ALA A 53 26.42 -11.58 7.91
CA ALA A 53 27.62 -11.23 8.68
C ALA A 53 27.26 -10.92 10.12
N ALA A 54 26.22 -10.10 10.33
CA ALA A 54 25.83 -9.76 11.71
C ALA A 54 25.38 -11.01 12.47
N LEU A 55 24.58 -11.86 11.83
CA LEU A 55 24.07 -13.06 12.51
C LEU A 55 25.21 -14.00 12.88
N ARG A 56 26.11 -14.26 11.94
CA ARG A 56 27.19 -15.24 12.13
C ARG A 56 28.29 -14.70 13.03
N LYS A 57 28.39 -13.38 13.20
CA LYS A 57 29.33 -12.84 14.19
C LYS A 57 28.94 -13.32 15.59
N ALA A 58 27.64 -13.49 15.83
CA ALA A 58 27.09 -13.94 17.12
C ALA A 58 26.88 -15.45 17.18
N TYR A 59 26.38 -16.06 16.11
CA TYR A 59 25.98 -17.48 16.08
C TYR A 59 26.61 -18.14 14.85
N PRO A 60 27.92 -18.38 14.86
CA PRO A 60 28.56 -18.95 13.68
C PRO A 60 28.21 -20.39 13.34
N THR A 61 27.66 -21.10 14.32
CA THR A 61 27.27 -22.53 14.22
C THR A 61 25.83 -22.68 13.73
N HIS A 62 25.10 -21.59 13.53
CA HIS A 62 23.69 -21.69 13.14
C HIS A 62 23.58 -21.95 11.65
N ALA A 63 22.47 -22.56 11.26
CA ALA A 63 22.11 -22.73 9.84
C ALA A 63 21.50 -21.44 9.30
N ILE A 64 21.73 -21.19 8.01
CA ILE A 64 21.33 -19.94 7.35
C ILE A 64 20.62 -20.31 6.07
N MET A 65 19.49 -19.68 5.77
CA MET A 65 18.77 -19.86 4.52
C MET A 65 18.34 -18.49 4.05
N GLY A 66 19.09 -17.95 3.09
CA GLY A 66 18.78 -16.66 2.44
C GLY A 66 18.22 -16.88 1.07
N GLU A 67 17.43 -15.92 0.62
CA GLU A 67 16.88 -15.90 -0.75
C GLU A 67 17.99 -15.94 -1.80
N GLU A 68 19.02 -15.13 -1.64
CA GLU A 68 20.09 -15.07 -2.66
C GLU A 68 21.00 -16.27 -2.51
N GLY A 69 21.33 -16.64 -1.28
CA GLY A 69 22.41 -17.63 -1.05
C GLY A 69 21.98 -19.09 -0.92
N GLY A 70 20.69 -19.40 -0.75
CA GLY A 70 20.32 -20.79 -0.48
C GLY A 70 20.47 -21.15 1.00
N LEU A 71 20.60 -22.45 1.22
CA LEU A 71 20.70 -23.07 2.56
C LEU A 71 22.14 -23.49 2.82
N ILE A 72 22.64 -23.12 4.00
CA ILE A 72 23.87 -23.68 4.62
C ILE A 72 23.52 -24.24 5.98
N GLU A 73 23.79 -25.52 6.16
CA GLU A 73 23.70 -26.24 7.45
C GLU A 73 24.54 -25.57 8.53
N GLY A 74 24.15 -25.80 9.78
CA GLY A 74 24.96 -25.43 10.94
C GLY A 74 25.70 -26.63 11.48
N SER A 75 26.16 -26.51 12.73
CA SER A 75 26.96 -27.58 13.34
C SER A 75 26.76 -27.55 14.84
N GLY A 76 26.94 -28.72 15.46
CA GLY A 76 26.66 -28.89 16.88
C GLY A 76 25.24 -28.55 17.23
N GLU A 77 25.03 -28.06 18.45
CA GLU A 77 23.74 -27.54 18.91
C GLU A 77 23.20 -26.50 17.94
N GLY A 78 24.10 -25.68 17.42
CA GLY A 78 23.71 -24.62 16.48
C GLY A 78 22.97 -25.15 15.26
N ALA A 79 23.13 -26.44 14.96
CA ALA A 79 22.40 -27.00 13.81
C ALA A 79 20.89 -26.93 14.00
N ASP A 80 20.43 -26.79 15.24
CA ASP A 80 18.99 -26.73 15.53
C ASP A 80 18.41 -25.34 15.25
N TYR A 81 19.25 -24.36 14.94
CA TYR A 81 18.78 -22.99 14.63
C TYR A 81 18.89 -22.76 13.13
N LEU A 82 17.80 -22.31 12.51
CA LEU A 82 17.79 -21.95 11.09
C LEU A 82 17.28 -20.53 10.94
N TRP A 83 18.11 -19.66 10.38
CA TRP A 83 17.68 -18.30 10.03
C TRP A 83 17.09 -18.32 8.62
N VAL A 84 15.93 -17.71 8.47
CA VAL A 84 15.21 -17.66 7.18
C VAL A 84 15.07 -16.20 6.81
N ILE A 85 15.78 -15.79 5.77
CA ILE A 85 16.05 -14.37 5.47
C ILE A 85 15.47 -14.07 4.10
N ASP A 86 14.58 -13.08 4.04
CA ASP A 86 14.37 -12.31 2.81
C ASP A 86 15.02 -10.96 3.02
N PRO A 87 16.17 -10.64 2.42
CA PRO A 87 16.81 -9.35 2.68
C PRO A 87 16.03 -8.13 2.19
N LEU A 88 15.22 -8.34 1.14
CA LEU A 88 14.40 -7.26 0.54
C LEU A 88 13.11 -7.87 -0.01
N ASP A 89 12.05 -7.84 0.80
CA ASP A 89 10.72 -8.33 0.39
C ASP A 89 9.93 -7.17 -0.20
N GLY A 90 9.52 -7.36 -1.45
CA GLY A 90 8.76 -6.35 -2.23
C GLY A 90 9.68 -5.65 -3.21
N THR A 91 10.35 -6.46 -4.03
CA THR A 91 11.34 -6.00 -5.03
C THR A 91 10.72 -5.21 -6.17
N THR A 92 9.51 -5.56 -6.61
CA THR A 92 8.89 -4.79 -7.70
C THR A 92 8.56 -3.37 -7.23
N ASN A 93 7.95 -3.26 -6.07
CA ASN A 93 7.79 -1.95 -5.42
C ASN A 93 9.13 -1.23 -5.34
N PHE A 94 10.13 -1.90 -4.79
CA PHE A 94 11.44 -1.25 -4.58
C PHE A 94 11.97 -0.68 -5.90
N ILE A 95 12.05 -1.52 -6.91
CA ILE A 95 12.66 -1.11 -8.19
C ILE A 95 11.83 -0.02 -8.85
N HIS A 96 10.54 0.09 -8.52
CA HIS A 96 9.76 1.22 -9.05
C HIS A 96 9.81 2.45 -8.16
N GLY A 97 10.39 2.34 -6.97
CA GLY A 97 10.44 3.45 -6.02
C GLY A 97 9.23 3.52 -5.11
N VAL A 98 8.35 2.53 -5.13
CA VAL A 98 7.19 2.50 -4.23
C VAL A 98 7.70 2.21 -2.82
N PRO A 99 7.49 3.16 -1.88
CA PRO A 99 7.96 3.00 -0.51
C PRO A 99 7.15 2.01 0.34
N HIS A 100 7.04 0.78 -0.12
CA HIS A 100 6.42 -0.30 0.67
C HIS A 100 7.15 -1.61 0.40
N PHE A 101 8.04 -1.94 1.31
CA PHE A 101 8.91 -3.12 1.26
C PHE A 101 9.57 -3.24 2.62
N ALA A 102 10.12 -4.43 2.88
CA ALA A 102 10.66 -4.76 4.20
C ALA A 102 11.83 -5.72 4.10
N VAL A 103 12.64 -5.74 5.16
CA VAL A 103 13.58 -6.84 5.50
C VAL A 103 12.85 -7.83 6.39
N SER A 104 13.03 -9.13 6.16
CA SER A 104 12.27 -10.17 6.87
C SER A 104 13.28 -11.21 7.37
N ILE A 105 13.40 -11.35 8.69
CA ILE A 105 14.31 -12.33 9.29
C ILE A 105 13.52 -13.16 10.28
N ALA A 106 13.59 -14.48 10.14
CA ALA A 106 13.00 -15.40 11.13
C ALA A 106 14.08 -16.32 11.64
N CYS A 107 13.97 -16.73 12.92
CA CYS A 107 14.78 -17.82 13.45
C CYS A 107 13.86 -18.94 13.89
N LYS A 108 14.16 -20.14 13.38
CA LYS A 108 13.46 -21.38 13.78
C LYS A 108 14.37 -22.23 14.65
N TYR A 109 13.85 -22.72 15.75
CA TYR A 109 14.55 -23.67 16.64
C TYR A 109 13.86 -25.02 16.50
N LYS A 110 14.57 -26.00 15.97
CA LYS A 110 13.99 -27.35 15.72
C LYS A 110 12.72 -27.23 14.89
N GLY A 111 12.69 -26.33 13.95
CA GLY A 111 11.55 -26.24 13.03
C GLY A 111 10.42 -25.36 13.47
N ARG A 112 10.42 -24.86 14.69
CA ARG A 112 9.35 -23.98 15.19
C ARG A 112 9.82 -22.53 15.11
N LEU A 113 8.93 -21.62 14.75
CA LEU A 113 9.27 -20.20 14.68
C LEU A 113 9.58 -19.67 16.07
N GLU A 114 10.77 -19.09 16.22
CA GLU A 114 11.28 -18.66 17.54
C GLU A 114 11.46 -17.16 17.62
N HIS A 115 12.07 -16.55 16.60
CA HIS A 115 12.22 -15.08 16.59
C HIS A 115 11.85 -14.50 15.23
N ALA A 116 11.45 -13.24 15.22
CA ALA A 116 10.98 -12.63 13.97
C ALA A 116 11.22 -11.13 13.99
N VAL A 117 11.67 -10.63 12.84
CA VAL A 117 11.79 -9.20 12.55
C VAL A 117 11.22 -8.96 11.16
N VAL A 118 10.34 -7.97 11.06
CA VAL A 118 9.96 -7.38 9.75
C VAL A 118 10.21 -5.90 9.86
N LEU A 119 11.08 -5.35 9.04
CA LEU A 119 11.49 -3.94 9.17
C LEU A 119 11.18 -3.20 7.88
N ASP A 120 10.33 -2.20 7.99
CA ASP A 120 10.04 -1.19 6.94
C ASP A 120 11.04 -0.07 7.14
N PRO A 121 12.08 0.03 6.30
CA PRO A 121 13.11 1.06 6.49
C PRO A 121 12.72 2.47 6.04
N VAL A 122 11.65 2.59 5.29
CA VAL A 122 11.15 3.91 4.85
C VAL A 122 10.35 4.54 5.98
N ARG A 123 9.31 3.86 6.42
CA ARG A 123 8.46 4.33 7.53
C ARG A 123 9.15 4.11 8.87
N GLN A 124 10.27 3.41 8.89
CA GLN A 124 11.04 3.08 10.12
C GLN A 124 10.14 2.32 11.09
N GLU A 125 9.49 1.28 10.59
CA GLU A 125 8.59 0.47 11.41
C GLU A 125 9.24 -0.88 11.63
N GLU A 126 9.50 -1.20 12.89
CA GLU A 126 10.21 -2.41 13.29
C GLU A 126 9.21 -3.32 13.99
N PHE A 127 8.78 -4.37 13.30
CA PHE A 127 7.91 -5.40 13.87
C PHE A 127 8.81 -6.49 14.43
N THR A 128 8.69 -6.77 15.72
CA THR A 128 9.51 -7.79 16.39
C THR A 128 8.63 -8.76 17.14
N ALA A 129 9.05 -10.02 17.22
CA ALA A 129 8.38 -11.00 18.08
C ALA A 129 9.34 -12.11 18.48
N SER A 130 9.12 -12.65 19.67
CA SER A 130 9.69 -13.94 20.09
C SER A 130 8.55 -14.86 20.52
N ARG A 131 8.75 -16.14 20.30
CA ARG A 131 7.76 -17.16 20.71
C ARG A 131 7.45 -17.02 22.20
N GLY A 132 6.18 -16.88 22.52
CA GLY A 132 5.72 -16.73 23.90
C GLY A 132 5.98 -15.36 24.51
N ARG A 133 6.45 -14.40 23.73
CA ARG A 133 6.74 -13.05 24.28
C ARG A 133 5.79 -12.00 23.73
N GLY A 134 4.98 -12.30 22.73
CA GLY A 134 4.21 -11.25 22.06
C GLY A 134 5.03 -10.47 21.05
N ALA A 135 4.33 -9.56 20.41
CA ALA A 135 4.86 -8.79 19.27
C ALA A 135 4.85 -7.32 19.62
N ALA A 136 5.78 -6.58 19.00
CA ALA A 136 5.86 -5.12 19.16
C ALA A 136 6.06 -4.47 17.79
N LEU A 137 5.60 -3.22 17.72
CA LEU A 137 5.97 -2.29 16.62
C LEU A 137 6.72 -1.16 17.28
N ASN A 138 8.03 -1.05 17.01
CA ASN A 138 8.87 0.01 17.60
C ASN A 138 8.72 0.05 19.11
N GLY A 139 8.56 -1.13 19.71
CA GLY A 139 8.56 -1.25 21.17
C GLY A 139 7.21 -1.28 21.81
N ARG A 140 6.13 -0.95 21.09
CA ARG A 140 4.78 -0.96 21.68
C ARG A 140 4.12 -2.31 21.36
N ARG A 141 3.48 -2.90 22.33
CA ARG A 141 2.76 -4.18 22.22
C ARG A 141 1.82 -4.14 21.02
N LEU A 142 1.78 -5.23 20.25
CA LEU A 142 0.83 -5.39 19.11
C LEU A 142 -0.31 -6.31 19.52
N ARG A 143 -1.51 -6.00 19.07
CA ARG A 143 -2.67 -6.92 19.14
C ARG A 143 -3.36 -6.96 17.79
N VAL A 144 -3.81 -8.14 17.41
CA VAL A 144 -4.68 -8.23 16.20
C VAL A 144 -5.99 -7.49 16.48
N SER A 145 -6.63 -7.06 15.41
CA SER A 145 -7.86 -6.26 15.52
C SER A 145 -8.93 -7.05 16.26
N GLY A 146 -9.97 -6.34 16.67
CA GLY A 146 -11.08 -6.94 17.40
C GLY A 146 -12.30 -7.20 16.55
N ARG A 147 -12.30 -6.79 15.30
CA ARG A 147 -13.47 -6.95 14.41
C ARG A 147 -13.98 -8.38 14.47
N LYS A 148 -15.30 -8.51 14.57
CA LYS A 148 -15.95 -9.81 14.87
C LYS A 148 -16.36 -10.54 13.59
N SER A 149 -16.34 -9.86 12.45
CA SER A 149 -16.85 -10.44 11.21
C SER A 149 -16.21 -9.72 10.02
N LEU A 150 -16.49 -10.21 8.82
CA LEU A 150 -15.96 -9.56 7.61
C LEU A 150 -16.73 -8.29 7.28
N GLU A 151 -17.81 -7.98 7.97
CA GLU A 151 -18.54 -6.71 7.73
C GLU A 151 -17.61 -5.54 7.99
N GLY A 152 -17.32 -4.76 6.96
CA GLY A 152 -16.41 -3.63 7.08
C GLY A 152 -14.95 -4.00 7.27
N ALA A 153 -14.59 -5.26 7.06
CA ALA A 153 -13.20 -5.70 7.22
C ALA A 153 -12.28 -5.16 6.12
N LEU A 154 -11.04 -4.92 6.48
CA LEU A 154 -9.97 -4.58 5.52
C LEU A 154 -9.06 -5.78 5.40
N LEU A 155 -9.04 -6.39 4.22
CA LEU A 155 -8.23 -7.61 4.00
C LEU A 155 -7.03 -7.32 3.12
N GLY A 156 -6.05 -8.23 3.19
CA GLY A 156 -4.86 -8.02 2.35
C GLY A 156 -4.57 -9.23 1.49
N THR A 157 -3.94 -9.08 0.37
CA THR A 157 -3.71 -10.23 -0.50
C THR A 157 -2.63 -9.94 -1.55
N GLY A 158 -2.36 -10.90 -2.37
CA GLY A 158 -1.22 -10.80 -3.30
C GLY A 158 -1.11 -11.96 -4.25
N PHE A 159 -0.55 -11.64 -5.42
CA PHE A 159 -0.15 -12.58 -6.50
C PHE A 159 1.35 -12.51 -6.74
N PRO A 160 2.16 -13.43 -6.19
CA PRO A 160 3.59 -13.45 -6.50
C PRO A 160 3.90 -13.71 -7.98
N PHE A 161 3.16 -14.64 -8.57
CA PHE A 161 3.27 -14.94 -10.01
C PHE A 161 2.41 -13.98 -10.84
N ARG A 162 2.68 -13.91 -12.14
CA ARG A 162 1.67 -13.41 -13.12
C ARG A 162 1.80 -14.15 -14.45
N ASP A 163 2.70 -15.13 -14.49
CA ASP A 163 2.79 -16.14 -15.56
C ASP A 163 1.42 -16.76 -15.86
N ASN A 164 0.90 -17.49 -14.88
CA ASN A 164 -0.52 -17.91 -14.76
C ASN A 164 -1.48 -16.76 -15.11
N ILE A 166 -5.05 -19.33 -17.72
CA ILE A 166 -5.80 -18.62 -16.64
C ILE A 166 -5.96 -19.55 -15.41
N ASP A 167 -4.97 -20.43 -15.18
CA ASP A 167 -5.05 -21.59 -14.25
C ASP A 167 -5.31 -21.06 -12.84
N ASN A 168 -4.28 -20.45 -12.27
CA ASN A 168 -4.34 -19.79 -10.94
C ASN A 168 -5.36 -18.65 -11.04
N LEU A 169 -5.10 -17.78 -12.02
CA LEU A 169 -5.77 -16.46 -12.15
C LEU A 169 -7.25 -16.52 -11.81
N ASP A 170 -8.01 -17.32 -12.55
CA ASP A 170 -9.45 -17.51 -12.31
C ASP A 170 -9.74 -17.76 -10.84
N ASN A 171 -9.07 -18.77 -10.28
CA ASN A 171 -9.28 -19.15 -8.86
C ASN A 171 -9.34 -17.94 -7.92
N TYR A 172 -8.31 -17.12 -8.03
CA TYR A 172 -8.14 -15.96 -7.15
C TYR A 172 -9.28 -15.00 -7.42
N LEU A 173 -9.52 -14.72 -8.69
CA LEU A 173 -10.49 -13.68 -9.07
C LEU A 173 -11.88 -14.11 -8.60
N ASN A 174 -12.12 -15.42 -8.49
CA ASN A 174 -13.40 -15.86 -7.95
C ASN A 174 -13.46 -15.55 -6.45
N MET A 175 -12.40 -15.95 -5.74
CA MET A 175 -12.28 -15.62 -4.29
C MET A 175 -12.56 -14.15 -4.10
N PHE A 176 -11.73 -13.31 -4.72
CA PHE A 176 -11.86 -11.83 -4.71
C PHE A 176 -13.33 -11.43 -4.80
N ARG A 177 -14.04 -11.94 -5.80
CA ARG A 177 -15.40 -11.44 -6.05
C ARG A 177 -16.27 -11.69 -4.88
N SER A 178 -16.20 -12.87 -4.27
CA SER A 178 -17.10 -13.22 -3.16
C SER A 178 -16.85 -12.31 -1.96
N LEU A 179 -15.66 -11.73 -1.89
CA LEU A 179 -15.21 -11.03 -0.67
C LEU A 179 -15.62 -9.57 -0.75
N VAL A 180 -16.00 -9.15 -1.96
CA VAL A 180 -16.18 -7.70 -2.23
C VAL A 180 -17.40 -7.15 -1.48
N GLY A 181 -18.45 -7.95 -1.30
CA GLY A 181 -19.70 -7.42 -0.73
C GLY A 181 -19.55 -6.99 0.72
N GLN A 182 -18.98 -7.87 1.54
CA GLN A 182 -18.95 -7.66 3.00
C GLN A 182 -17.86 -6.66 3.35
N THR A 183 -16.68 -6.82 2.76
CA THR A 183 -15.50 -6.10 3.26
C THR A 183 -15.58 -4.62 2.92
N ALA A 184 -14.89 -3.80 3.69
CA ALA A 184 -14.68 -2.38 3.40
C ALA A 184 -13.62 -2.21 2.31
N GLY A 185 -12.71 -3.15 2.21
CA GLY A 185 -11.64 -3.06 1.22
C GLY A 185 -10.81 -4.31 1.18
N ILE A 186 -10.23 -4.56 0.02
CA ILE A 186 -9.14 -5.54 -0.19
C ILE A 186 -7.96 -4.77 -0.73
N ARG A 187 -6.77 -5.02 -0.18
CA ARG A 187 -5.54 -4.31 -0.54
C ARG A 187 -4.50 -5.26 -1.14
N ARG A 188 -3.82 -4.80 -2.17
CA ARG A 188 -2.63 -5.44 -2.74
C ARG A 188 -1.48 -4.44 -2.71
N ALA A 189 -0.73 -4.44 -1.63
CA ALA A 189 0.38 -3.51 -1.36
C ALA A 189 1.72 -3.98 -1.92
N GLY A 190 1.91 -5.30 -1.99
CA GLY A 190 3.03 -5.93 -2.70
C GLY A 190 4.23 -6.37 -1.88
N ALA A 191 4.06 -6.69 -0.61
CA ALA A 191 5.12 -7.29 0.21
C ALA A 191 4.47 -8.09 1.31
N ALA A 192 4.56 -9.42 1.20
CA ALA A 192 3.79 -10.34 2.06
C ALA A 192 4.24 -10.21 3.51
N SER A 193 5.52 -9.95 3.73
CA SER A 193 6.00 -9.79 5.12
C SER A 193 5.32 -8.59 5.79
N LEU A 194 5.15 -7.50 5.04
CA LEU A 194 4.45 -6.33 5.59
C LEU A 194 2.96 -6.60 5.72
N ASP A 195 2.39 -7.40 4.82
CA ASP A 195 0.95 -7.74 4.97
C ASP A 195 0.73 -8.54 6.25
N LEU A 196 1.59 -9.49 6.54
CA LEU A 196 1.49 -10.25 7.79
C LEU A 196 1.73 -9.37 9.00
N ALA A 197 2.74 -8.50 8.93
CA ALA A 197 2.99 -7.55 10.03
C ALA A 197 1.75 -6.67 10.27
N TYR A 198 1.07 -6.30 9.19
CA TYR A 198 -0.10 -5.43 9.32
C TYR A 198 -1.27 -6.20 9.93
N VAL A 199 -1.42 -7.47 9.61
CA VAL A 199 -2.36 -8.34 10.36
C VAL A 199 -2.03 -8.30 11.84
N ALA A 200 -0.75 -8.46 12.17
CA ALA A 200 -0.31 -8.53 13.58
C ALA A 200 -0.63 -7.22 14.30
N ALA A 201 -0.46 -6.09 13.63
CA ALA A 201 -0.67 -4.80 14.30
C ALA A 201 -2.14 -4.38 14.32
N GLY A 202 -3.02 -5.14 13.70
CA GLY A 202 -4.44 -4.79 13.62
C GLY A 202 -4.79 -3.93 12.44
N ARG A 203 -3.87 -3.73 11.51
CA ARG A 203 -4.09 -2.84 10.34
C ARG A 203 -4.86 -3.55 9.25
N TYR A 204 -4.61 -4.85 9.06
CA TYR A 204 -5.50 -5.73 8.29
C TYR A 204 -6.21 -6.66 9.25
N ASP A 205 -7.47 -6.94 8.96
CA ASP A 205 -8.22 -7.91 9.78
C ASP A 205 -7.90 -9.37 9.39
N ALA A 206 -7.52 -9.57 8.14
CA ALA A 206 -6.96 -10.86 7.70
C ALA A 206 -6.23 -10.66 6.38
N PHE A 207 -5.61 -11.73 5.95
CA PHE A 207 -4.69 -11.77 4.80
C PHE A 207 -4.65 -13.20 4.27
N TRP A 208 -4.65 -13.32 2.97
CA TRP A 208 -4.41 -14.64 2.33
C TRP A 208 -3.63 -14.44 1.05
N GLU A 209 -2.75 -15.40 0.76
CA GLU A 209 -1.94 -15.41 -0.46
C GLU A 209 -1.44 -16.82 -0.69
N PHE A 210 -1.24 -17.17 -1.95
CA PHE A 210 -0.54 -18.42 -2.31
C PHE A 210 0.58 -18.09 -3.26
N GLY A 211 1.47 -19.07 -3.41
CA GLY A 211 2.69 -18.94 -4.22
C GLY A 211 3.86 -18.32 -3.49
N LEU A 212 3.80 -18.22 -2.18
CA LEU A 212 4.89 -17.61 -1.40
C LEU A 212 5.99 -18.62 -1.15
N SER A 213 7.16 -18.04 -0.81
CA SER A 213 8.36 -18.76 -0.32
C SER A 213 8.45 -18.62 1.19
N GLU A 214 9.15 -19.55 1.82
CA GLU A 214 9.26 -19.57 3.28
C GLU A 214 9.75 -18.24 3.85
N TRP A 215 10.78 -17.64 3.26
CA TRP A 215 11.37 -16.39 3.79
C TRP A 215 10.34 -15.25 3.73
N ASP A 216 9.38 -15.32 2.81
CA ASP A 216 8.32 -14.30 2.79
C ASP A 216 7.36 -14.41 3.98
N MET A 217 7.12 -15.62 4.50
CA MET A 217 6.04 -15.87 5.47
C MET A 217 6.54 -16.05 6.91
N ALA A 218 7.76 -16.52 7.10
CA ALA A 218 8.22 -17.02 8.40
C ALA A 218 8.08 -15.95 9.50
N ALA A 219 8.71 -14.81 9.29
CA ALA A 219 8.72 -13.76 10.32
C ALA A 219 7.30 -13.28 10.54
N GLY A 220 6.58 -12.95 9.47
CA GLY A 220 5.23 -12.37 9.61
C GLY A 220 4.26 -13.31 10.30
N ALA A 221 4.40 -14.61 10.03
CA ALA A 221 3.57 -15.63 10.70
C ALA A 221 3.81 -15.59 12.21
N LEU A 222 5.08 -15.54 12.61
CA LEU A 222 5.33 -15.46 14.06
C LEU A 222 4.73 -14.15 14.61
N LEU A 223 4.87 -13.05 13.86
CA LEU A 223 4.26 -11.78 14.31
C LEU A 223 2.76 -11.95 14.57
N VAL A 224 2.05 -12.56 13.63
CA VAL A 224 0.59 -12.72 13.79
C VAL A 224 0.27 -13.60 15.01
N GLN A 225 0.95 -14.74 15.11
CA GLN A 225 0.72 -15.64 16.27
C GLN A 225 0.95 -14.89 17.59
N GLU A 226 2.06 -14.21 17.69
CA GLU A 226 2.42 -13.53 18.94
C GLU A 226 1.55 -12.32 19.21
N ALA A 227 0.89 -11.76 18.19
CA ALA A 227 -0.07 -10.67 18.39
C ALA A 227 -1.47 -11.18 18.73
N GLY A 228 -1.62 -12.50 18.89
CA GLY A 228 -2.89 -13.11 19.26
C GLY A 228 -3.74 -13.57 18.11
N GLY A 229 -3.17 -13.66 16.91
CA GLY A 229 -3.93 -14.05 15.72
C GLY A 229 -3.79 -15.51 15.43
N LEU A 230 -4.35 -15.90 14.29
CA LEU A 230 -4.26 -17.28 13.78
C LEU A 230 -3.64 -17.29 12.39
N VAL A 231 -2.82 -18.33 12.16
CA VAL A 231 -2.11 -18.54 10.88
C VAL A 231 -2.19 -20.00 10.49
N SER A 232 -2.51 -20.26 9.24
CA SER A 232 -2.53 -21.63 8.69
C SER A 232 -2.31 -21.60 7.19
N ASP A 233 -2.30 -22.77 6.60
CA ASP A 233 -2.31 -22.87 5.12
C ASP A 233 -3.78 -22.88 4.68
N PHE A 234 -4.01 -23.10 3.40
CA PHE A 234 -5.37 -23.04 2.82
C PHE A 234 -6.22 -24.19 3.31
N THR A 235 -5.60 -25.26 3.82
CA THR A 235 -6.35 -26.43 4.33
C THR A 235 -6.63 -26.31 5.83
N GLY A 236 -6.04 -25.33 6.50
CA GLY A 236 -6.25 -25.18 7.94
C GLY A 236 -5.18 -25.82 8.78
N SER A 237 -4.22 -26.48 8.16
CA SER A 237 -3.08 -27.11 8.85
C SER A 237 -1.95 -26.08 8.99
N HIS A 238 -0.88 -26.51 9.62
CA HIS A 238 0.25 -25.61 9.96
C HIS A 238 1.44 -25.83 9.02
N GLU A 239 1.21 -26.14 7.75
CA GLU A 239 2.32 -26.40 6.81
C GLU A 239 2.39 -25.29 5.77
N PHE A 240 2.05 -24.08 6.18
CA PHE A 240 2.16 -22.91 5.29
C PHE A 240 3.58 -22.67 4.80
N LEU A 241 4.60 -22.83 5.63
CA LEU A 241 5.97 -22.53 5.20
C LEU A 241 6.35 -23.40 4.01
N GLU A 242 5.90 -24.66 4.04
CA GLU A 242 6.29 -25.64 3.02
C GLU A 242 5.41 -25.54 1.78
N LYS A 243 4.12 -25.25 1.96
CA LYS A 243 3.16 -25.28 0.84
C LYS A 243 3.10 -23.95 0.09
N GLY A 244 3.39 -22.85 0.77
CA GLY A 244 3.45 -21.55 0.12
C GLY A 244 2.13 -20.80 0.10
N HIS A 245 1.05 -21.38 0.61
CA HIS A 245 -0.23 -20.69 0.75
C HIS A 245 -0.50 -20.45 2.24
N ILE A 246 -1.05 -19.27 2.52
CA ILE A 246 -1.20 -18.81 3.91
C ILE A 246 -2.50 -18.02 4.04
N VAL A 247 -3.15 -18.27 5.15
CA VAL A 247 -4.23 -17.43 5.73
C VAL A 247 -3.78 -16.99 7.10
N ALA A 248 -3.88 -15.70 7.37
CA ALA A 248 -3.63 -15.13 8.70
C ALA A 248 -4.73 -14.14 9.03
N GLY A 249 -5.09 -14.06 10.29
CA GLY A 249 -6.03 -13.00 10.68
C GLY A 249 -6.25 -12.95 12.16
N ASN A 250 -7.14 -12.03 12.53
CA ASN A 250 -7.73 -12.09 13.89
C ASN A 250 -8.57 -13.36 13.93
N THR A 251 -9.09 -13.71 15.12
CA THR A 251 -9.69 -15.06 15.23
C THR A 251 -10.90 -15.20 14.31
N LYS A 252 -11.87 -14.30 14.42
CA LYS A 252 -13.11 -14.43 13.66
C LYS A 252 -12.91 -14.23 12.16
N CYS A 253 -12.10 -13.26 11.80
CA CYS A 253 -11.88 -12.93 10.37
C CYS A 253 -10.97 -13.98 9.73
N PHE A 254 -10.00 -14.53 10.47
CA PHE A 254 -9.28 -15.72 9.96
C PHE A 254 -10.26 -16.83 9.64
N LYS A 255 -11.14 -17.14 10.58
CA LYS A 255 -12.09 -18.27 10.39
C LYS A 255 -12.99 -17.99 9.18
N ALA A 256 -13.56 -16.81 9.11
CA ALA A 256 -14.49 -16.44 8.01
C ALA A 256 -13.75 -16.50 6.67
N LEU A 257 -12.52 -15.98 6.62
CA LEU A 257 -11.74 -15.94 5.36
C LEU A 257 -11.42 -17.36 4.89
N LEU A 258 -11.00 -18.22 5.82
CA LEU A 258 -10.69 -19.62 5.48
C LEU A 258 -11.92 -20.29 4.89
N THR A 259 -13.04 -20.18 5.61
CA THR A 259 -14.33 -20.74 5.14
C THR A 259 -14.62 -20.23 3.75
N THR A 260 -14.47 -18.94 3.54
CA THR A 260 -14.84 -18.31 2.26
C THR A 260 -14.01 -18.90 1.11
N ILE A 261 -12.72 -19.08 1.36
CA ILE A 261 -11.83 -19.39 0.19
C ILE A 261 -11.76 -20.88 -0.06
N GLN A 262 -12.19 -21.76 0.82
CA GLN A 262 -11.93 -23.22 0.52
C GLN A 262 -12.76 -23.64 -0.70
N PRO A 263 -14.04 -23.23 -0.82
CA PRO A 263 -14.84 -23.66 -1.98
C PRO A 263 -14.38 -23.12 -3.33
N HIS A 264 -13.48 -22.17 -3.35
CA HIS A 264 -12.99 -21.56 -4.61
C HIS A 264 -11.57 -22.06 -4.97
N LEU A 265 -11.11 -23.14 -4.34
CA LEU A 265 -9.77 -23.73 -4.58
C LEU A 265 -9.99 -25.00 -5.37
N PRO A 266 -8.98 -25.45 -6.17
CA PRO A 266 -8.96 -26.84 -6.63
C PRO A 266 -8.63 -27.77 -5.48
N PRO A 267 -8.69 -29.11 -5.65
CA PRO A 267 -8.16 -30.03 -4.64
C PRO A 267 -6.64 -29.89 -4.60
N SER A 268 -6.04 -29.26 -5.63
CA SER A 268 -4.60 -28.94 -5.74
C SER A 268 -4.13 -28.09 -4.54
N LEU A 269 -4.82 -26.99 -4.23
CA LEU A 269 -4.51 -26.14 -3.04
C LEU A 269 -5.27 -26.67 -1.81
N LYS A 270 -5.57 -27.97 -1.75
CA LYS A 270 -6.20 -28.66 -0.59
C LYS A 270 -6.00 -30.17 -0.69
N MET B 1 5.33 28.10 -4.42
CA MET B 1 6.13 29.31 -4.83
C MET B 1 5.21 30.39 -5.37
N GLN B 2 4.08 29.98 -5.93
CA GLN B 2 2.96 30.90 -6.21
C GLN B 2 2.12 31.06 -4.95
N PRO B 3 1.76 32.29 -4.51
CA PRO B 3 1.17 32.45 -3.18
C PRO B 3 -0.05 31.57 -2.90
N MET B 4 -0.91 31.40 -3.90
CA MET B 4 -2.11 30.54 -3.76
C MET B 4 -1.73 29.10 -3.48
N LEU B 5 -0.70 28.61 -4.17
CA LEU B 5 -0.21 27.23 -3.94
C LEU B 5 0.39 27.11 -2.55
N ASN B 6 1.13 28.13 -2.11
CA ASN B 6 1.74 28.11 -0.77
C ASN B 6 0.65 28.08 0.31
N ILE B 7 -0.39 28.85 0.12
CA ILE B 7 -1.54 28.84 1.05
C ILE B 7 -2.11 27.43 1.13
N ALA B 8 -2.38 26.84 -0.03
CA ALA B 8 -2.94 25.47 -0.09
C ALA B 8 -2.00 24.49 0.62
N LEU B 9 -0.70 24.67 0.42
CA LEU B 9 0.28 23.73 0.99
C LEU B 9 0.29 23.83 2.51
N ARG B 10 0.28 25.03 3.06
CA ARG B 10 0.26 25.19 4.52
C ARG B 10 -1.04 24.64 5.10
N ALA B 11 -2.15 24.86 4.42
CA ALA B 11 -3.44 24.28 4.89
C ALA B 11 -3.36 22.74 4.91
N ALA B 12 -2.79 22.16 3.87
CA ALA B 12 -2.61 20.69 3.84
C ALA B 12 -1.69 20.23 4.98
N ARG B 13 -0.63 20.98 5.24
CA ARG B 13 0.29 20.59 6.34
C ARG B 13 -0.43 20.58 7.69
N SER B 14 -1.20 21.62 7.99
CA SER B 14 -1.92 21.69 9.28
C SER B 14 -2.91 20.54 9.38
N ALA B 15 -3.71 20.33 8.34
CA ALA B 15 -4.67 19.21 8.34
C ALA B 15 -3.94 17.89 8.56
N GLY B 16 -2.81 17.71 7.89
CA GLY B 16 -2.07 16.45 7.99
C GLY B 16 -1.50 16.21 9.37
N GLU B 17 -1.01 17.25 10.02
CA GLU B 17 -0.56 17.13 11.42
C GLU B 17 -1.72 16.71 12.34
N LEU B 18 -2.89 17.29 12.12
CA LEU B 18 -4.08 16.88 12.89
C LEU B 18 -4.39 15.39 12.65
N ILE B 19 -4.39 14.98 11.39
CA ILE B 19 -4.68 13.57 11.02
C ILE B 19 -3.63 12.64 11.64
N PHE B 20 -2.38 13.07 11.66
CA PHE B 20 -1.28 12.24 12.19
C PHE B 20 -1.44 12.04 13.70
N ARG B 21 -1.73 13.10 14.43
CA ARG B 21 -2.02 12.94 15.88
C ARG B 21 -3.22 12.00 16.07
N SER B 22 -4.24 12.13 15.23
CA SER B 22 -5.42 11.25 15.36
C SER B 22 -5.05 9.78 15.18
N ILE B 23 -4.28 9.47 14.15
CA ILE B 23 -3.85 8.07 13.91
C ILE B 23 -3.02 7.57 15.09
N GLU B 24 -2.18 8.42 15.66
CA GLU B 24 -1.35 8.01 16.81
C GLU B 24 -2.21 7.58 17.97
N ARG B 25 -3.26 8.35 18.24
CA ARG B 25 -4.21 8.06 19.34
C ARG B 25 -5.02 6.79 19.04
N LEU B 26 -5.48 6.65 17.83
CA LEU B 26 -6.16 5.44 17.30
C LEU B 26 -5.36 4.18 17.62
N ASP B 27 -4.06 4.20 17.31
CA ASP B 27 -3.21 3.00 17.24
C ASP B 27 -3.02 2.39 18.65
N VAL B 28 -3.06 3.21 19.70
CA VAL B 28 -2.90 2.76 21.12
C VAL B 28 -4.28 2.55 21.78
N ILE B 29 -5.29 3.38 21.46
CA ILE B 29 -6.68 3.29 21.99
C ILE B 29 -7.61 2.85 20.84
N SER B 30 -8.07 1.59 20.84
CA SER B 30 -8.64 0.86 19.66
C SER B 30 -10.18 0.94 19.60
N VAL B 31 -10.71 1.83 18.73
CA VAL B 31 -12.16 1.92 18.37
C VAL B 31 -12.65 0.62 17.71
N ASN B 32 -13.91 0.25 17.95
CA ASN B 32 -14.55 -1.02 17.50
C ASN B 32 -15.48 -0.72 16.33
N GLU B 33 -16.16 -1.74 15.78
CA GLU B 33 -16.91 -1.66 14.49
C GLU B 33 -17.83 -0.44 14.44
N LYS B 34 -18.79 -0.33 15.36
CA LYS B 34 -19.88 0.69 15.35
C LYS B 34 -19.29 2.12 15.32
N ASP B 35 -18.29 2.36 16.16
CA ASP B 35 -17.63 3.68 16.36
C ASP B 35 -16.82 4.11 15.14
N ALA B 36 -16.45 3.20 14.24
CA ALA B 36 -15.41 3.48 13.21
C ALA B 36 -15.87 4.60 12.28
N LYS B 37 -17.10 4.50 11.81
CA LYS B 37 -17.70 5.48 10.90
C LYS B 37 -17.70 6.87 11.56
N ASP B 38 -18.05 6.89 12.84
CA ASP B 38 -18.16 8.17 13.58
C ASP B 38 -16.78 8.77 13.79
N TYR B 39 -15.81 7.95 14.16
CA TYR B 39 -14.41 8.43 14.26
C TYR B 39 -13.93 9.02 12.94
N VAL B 40 -14.26 8.36 11.84
CA VAL B 40 -13.80 8.82 10.50
C VAL B 40 -14.48 10.15 10.18
N THR B 41 -15.78 10.23 10.38
CA THR B 41 -16.48 11.50 10.11
C THR B 41 -15.89 12.62 10.95
N GLU B 42 -15.60 12.36 12.21
CA GLU B 42 -15.00 13.36 13.11
C GLU B 42 -13.67 13.85 12.54
N VAL B 43 -12.75 12.94 12.28
CA VAL B 43 -11.39 13.35 11.83
C VAL B 43 -11.51 14.06 10.47
N ASP B 44 -12.31 13.50 9.57
CA ASP B 44 -12.58 14.14 8.27
C ASP B 44 -13.02 15.60 8.43
N ARG B 45 -14.01 15.84 9.27
CA ARG B 45 -14.59 17.18 9.42
C ARG B 45 -13.64 18.10 10.16
N ALA B 46 -12.86 17.59 11.09
CA ALA B 46 -11.86 18.43 11.78
C ALA B 46 -10.77 18.88 10.83
N ALA B 47 -10.29 17.95 9.99
CA ALA B 47 -9.27 18.30 8.98
C ALA B 47 -9.86 19.26 7.96
N GLU B 48 -11.10 19.06 7.55
CA GLU B 48 -11.74 19.97 6.59
C GLU B 48 -11.89 21.36 7.20
N GLN B 49 -12.30 21.45 8.46
CA GLN B 49 -12.38 22.76 9.14
C GLN B 49 -11.00 23.44 9.12
N THR B 50 -9.96 22.69 9.49
CA THR B 50 -8.59 23.24 9.46
C THR B 50 -8.29 23.85 8.09
N ILE B 51 -8.50 23.08 7.05
CA ILE B 51 -8.19 23.49 5.65
C ILE B 51 -9.01 24.73 5.29
N VAL B 52 -10.31 24.66 5.52
CA VAL B 52 -11.23 25.72 5.04
C VAL B 52 -10.98 27.01 5.80
N ALA B 53 -10.70 26.94 7.09
CA ALA B 53 -10.32 28.15 7.84
C ALA B 53 -9.08 28.78 7.23
N ALA B 54 -8.06 27.97 6.96
CA ALA B 54 -6.81 28.52 6.40
C ALA B 54 -7.08 29.12 5.01
N LEU B 55 -7.85 28.43 4.19
CA LEU B 55 -8.10 28.92 2.81
C LEU B 55 -8.88 30.22 2.85
N ARG B 56 -9.93 30.28 3.63
CA ARG B 56 -10.83 31.45 3.67
C ARG B 56 -10.21 32.62 4.40
N LYS B 57 -9.19 32.37 5.23
CA LYS B 57 -8.48 33.52 5.84
C LYS B 57 -7.79 34.33 4.75
N ALA B 58 -7.36 33.67 3.68
CA ALA B 58 -6.69 34.31 2.54
C ALA B 58 -7.66 34.68 1.42
N TYR B 59 -8.61 33.81 1.08
CA TYR B 59 -9.49 33.99 -0.07
C TYR B 59 -10.94 33.78 0.39
N PRO B 60 -11.52 34.73 1.11
CA PRO B 60 -12.87 34.54 1.64
C PRO B 60 -13.99 34.52 0.60
N THR B 61 -13.70 35.05 -0.58
CA THR B 61 -14.66 35.15 -1.70
C THR B 61 -14.61 33.93 -2.61
N HIS B 62 -13.73 32.97 -2.34
CA HIS B 62 -13.63 31.80 -3.22
C HIS B 62 -14.73 30.80 -2.91
N ALA B 63 -15.05 29.99 -3.91
CA ALA B 63 -15.96 28.86 -3.75
C ALA B 63 -15.21 27.66 -3.16
N ILE B 64 -15.94 26.85 -2.40
CA ILE B 64 -15.36 25.70 -1.68
C ILE B 64 -16.23 24.48 -1.97
N MET B 65 -15.61 23.36 -2.25
CA MET B 65 -16.29 22.07 -2.42
C MET B 65 -15.50 21.02 -1.67
N GLY B 66 -15.98 20.68 -0.49
CA GLY B 66 -15.38 19.67 0.39
C GLY B 66 -16.21 18.42 0.37
N GLU B 67 -15.53 17.31 0.67
CA GLU B 67 -16.18 15.99 0.87
C GLU B 67 -17.17 16.06 2.00
N GLU B 68 -16.82 16.69 3.12
CA GLU B 68 -17.75 16.69 4.27
C GLU B 68 -18.80 17.75 4.04
N GLY B 69 -18.40 18.91 3.54
CA GLY B 69 -19.26 20.11 3.53
C GLY B 69 -20.10 20.36 2.30
N GLY B 70 -19.89 19.66 1.17
CA GLY B 70 -20.60 20.01 -0.05
C GLY B 70 -20.01 21.21 -0.77
N LEU B 71 -20.86 21.88 -1.55
CA LEU B 71 -20.47 23.03 -2.40
C LEU B 71 -21.02 24.31 -1.80
N ILE B 72 -20.16 25.32 -1.68
CA ILE B 72 -20.47 26.68 -1.20
C ILE B 72 -19.93 27.65 -2.23
N GLU B 73 -20.79 28.52 -2.75
CA GLU B 73 -20.39 29.37 -3.90
C GLU B 73 -19.53 30.50 -3.38
N GLY B 74 -18.78 31.14 -4.29
CA GLY B 74 -18.04 32.35 -3.95
C GLY B 74 -18.77 33.59 -4.39
N SER B 75 -18.04 34.69 -4.46
CA SER B 75 -18.64 35.99 -4.80
C SER B 75 -17.61 36.87 -5.47
N GLY B 76 -18.10 37.77 -6.32
CA GLY B 76 -17.23 38.61 -7.15
C GLY B 76 -16.31 37.79 -8.01
N GLU B 77 -15.13 38.34 -8.29
CA GLU B 77 -14.14 37.57 -9.09
C GLU B 77 -13.76 36.28 -8.36
N GLY B 78 -13.82 36.26 -7.04
CA GLY B 78 -13.56 35.03 -6.29
C GLY B 78 -14.48 33.88 -6.68
N ALA B 79 -15.62 34.18 -7.27
CA ALA B 79 -16.51 33.10 -7.72
C ALA B 79 -15.86 32.23 -8.80
N ASP B 80 -14.81 32.72 -9.46
CA ASP B 80 -14.10 31.95 -10.49
C ASP B 80 -13.12 30.96 -9.89
N TYR B 81 -12.91 30.97 -8.58
CA TYR B 81 -12.01 30.01 -7.92
C TYR B 81 -12.85 28.99 -7.16
N LEU B 82 -12.55 27.71 -7.40
CA LEU B 82 -13.21 26.62 -6.66
C LEU B 82 -12.14 25.72 -6.05
N TRP B 83 -12.16 25.61 -4.73
CA TRP B 83 -11.32 24.64 -4.02
C TRP B 83 -12.04 23.31 -3.96
N VAL B 84 -11.34 22.24 -4.30
CA VAL B 84 -11.90 20.88 -4.31
C VAL B 84 -11.07 20.08 -3.33
N ILE B 85 -11.68 19.71 -2.21
CA ILE B 85 -10.96 19.25 -1.01
C ILE B 85 -11.44 17.84 -0.70
N ASP B 86 -10.52 16.90 -0.65
CA ASP B 86 -10.70 15.68 0.16
C ASP B 86 -9.79 15.78 1.37
N PRO B 87 -10.31 16.07 2.58
CA PRO B 87 -9.41 16.34 3.70
C PRO B 87 -8.70 15.08 4.20
N LEU B 88 -9.30 13.92 3.92
CA LEU B 88 -8.70 12.62 4.25
C LEU B 88 -9.07 11.60 3.18
N ASP B 89 -8.19 11.44 2.18
CA ASP B 89 -8.38 10.42 1.13
C ASP B 89 -7.70 9.14 1.55
N GLY B 90 -8.47 8.07 1.66
CA GLY B 90 -8.04 6.78 2.22
C GLY B 90 -8.49 6.64 3.65
N THR B 91 -9.80 6.78 3.85
CA THR B 91 -10.42 6.75 5.20
C THR B 91 -10.43 5.33 5.76
N THR B 92 -10.63 4.33 4.90
CA THR B 92 -10.64 2.93 5.37
C THR B 92 -9.26 2.54 5.91
N ASN B 93 -8.24 2.84 5.13
CA ASN B 93 -6.84 2.72 5.60
C ASN B 93 -6.67 3.45 6.92
N PHE B 94 -7.07 4.72 6.95
CA PHE B 94 -6.87 5.55 8.16
C PHE B 94 -7.47 4.86 9.38
N ILE B 95 -8.74 4.53 9.30
CA ILE B 95 -9.47 3.98 10.46
C ILE B 95 -8.90 2.62 10.84
N HIS B 96 -8.24 1.93 9.93
CA HIS B 96 -7.57 0.67 10.30
C HIS B 96 -6.14 0.87 10.77
N GLY B 97 -5.62 2.09 10.66
CA GLY B 97 -4.22 2.37 11.00
C GLY B 97 -3.23 2.09 9.88
N VAL B 98 -3.69 1.80 8.68
CA VAL B 98 -2.80 1.60 7.51
C VAL B 98 -2.21 2.95 7.12
N PRO B 99 -0.88 3.09 7.24
CA PRO B 99 -0.20 4.36 6.91
C PRO B 99 -0.10 4.67 5.42
N HIS B 100 -1.24 4.75 4.77
CA HIS B 100 -1.30 5.17 3.34
C HIS B 100 -2.59 5.92 3.10
N PHE B 101 -2.49 7.22 3.14
CA PHE B 101 -3.64 8.16 2.99
C PHE B 101 -3.06 9.54 2.84
N ALA B 102 -3.87 10.47 2.33
CA ALA B 102 -3.43 11.81 1.97
C ALA B 102 -4.51 12.85 2.19
N VAL B 103 -4.08 14.10 2.36
CA VAL B 103 -4.92 15.31 2.18
C VAL B 103 -4.79 15.74 0.72
N SER B 104 -5.88 16.16 0.10
CA SER B 104 -5.94 16.38 -1.37
C SER B 104 -6.68 17.69 -1.56
N ILE B 105 -5.99 18.69 -2.08
CA ILE B 105 -6.56 20.03 -2.31
C ILE B 105 -6.25 20.43 -3.74
N ALA B 106 -7.30 20.79 -4.50
CA ALA B 106 -7.11 21.36 -5.84
C ALA B 106 -7.77 22.72 -5.87
N CYS B 107 -7.21 23.62 -6.68
CA CYS B 107 -7.88 24.88 -7.03
C CYS B 107 -8.13 24.89 -8.52
N LYS B 108 -9.38 25.15 -8.88
CA LYS B 108 -9.80 25.36 -10.28
C LYS B 108 -10.09 26.84 -10.49
N TYR B 109 -9.59 27.39 -11.58
CA TYR B 109 -9.90 28.75 -11.99
C TYR B 109 -10.73 28.66 -13.27
N LYS B 110 -11.99 29.09 -13.19
CA LYS B 110 -12.94 28.99 -14.33
C LYS B 110 -12.97 27.56 -14.87
N GLY B 111 -12.90 26.58 -13.99
CA GLY B 111 -13.09 25.19 -14.39
C GLY B 111 -11.85 24.47 -14.87
N ARG B 112 -10.71 25.14 -14.94
CA ARG B 112 -9.45 24.45 -15.28
C ARG B 112 -8.67 24.22 -13.99
N LEU B 113 -8.00 23.08 -13.90
CA LEU B 113 -7.14 22.78 -12.76
C LEU B 113 -5.98 23.76 -12.73
N GLU B 114 -5.82 24.45 -11.60
CA GLU B 114 -4.83 25.54 -11.48
C GLU B 114 -3.76 25.21 -10.45
N HIS B 115 -4.17 24.73 -9.27
CA HIS B 115 -3.18 24.35 -8.23
C HIS B 115 -3.55 23.01 -7.63
N ALA B 116 -2.55 22.30 -7.13
CA ALA B 116 -2.76 20.96 -6.56
C ALA B 116 -1.77 20.69 -5.45
N VAL B 117 -2.29 20.07 -4.39
CA VAL B 117 -1.49 19.55 -3.27
C VAL B 117 -2.04 18.19 -2.91
N VAL B 118 -1.17 17.20 -2.84
CA VAL B 118 -1.47 15.88 -2.24
C VAL B 118 -0.43 15.63 -1.19
N LEU B 119 -0.83 15.50 0.06
CA LEU B 119 0.12 15.40 1.19
C LEU B 119 -0.12 14.08 1.91
N ASP B 120 0.91 13.24 1.94
CA ASP B 120 1.03 12.06 2.80
C ASP B 120 1.65 12.50 4.11
N PRO B 121 0.87 12.63 5.19
CA PRO B 121 1.40 13.14 6.46
C PRO B 121 2.21 12.15 7.28
N VAL B 122 2.11 10.88 6.93
CA VAL B 122 2.90 9.81 7.61
C VAL B 122 4.31 9.81 7.05
N ARG B 123 4.42 9.59 5.75
CA ARG B 123 5.72 9.60 5.05
C ARG B 123 6.24 11.02 4.86
N GLN B 124 5.43 12.02 5.15
CA GLN B 124 5.74 13.45 4.94
C GLN B 124 6.15 13.67 3.48
N GLU B 125 5.29 13.25 2.58
CA GLU B 125 5.49 13.45 1.13
C GLU B 125 4.51 14.51 0.64
N GLU B 126 5.01 15.64 0.18
CA GLU B 126 4.21 16.78 -0.27
C GLU B 126 4.32 16.87 -1.79
N PHE B 127 3.28 16.45 -2.49
CA PHE B 127 3.19 16.58 -3.95
C PHE B 127 2.50 17.90 -4.25
N THR B 128 3.15 18.75 -5.00
CA THR B 128 2.60 20.07 -5.40
C THR B 128 2.65 20.24 -6.91
N ALA B 129 1.71 21.01 -7.44
CA ALA B 129 1.79 21.46 -8.83
C ALA B 129 0.98 22.73 -9.03
N SER B 130 1.43 23.53 -9.98
CA SER B 130 0.61 24.63 -10.58
C SER B 130 0.58 24.43 -12.08
N ARG B 131 -0.54 24.81 -12.67
CA ARG B 131 -0.72 24.70 -14.14
C ARG B 131 0.41 25.43 -14.86
N GLY B 132 1.10 24.73 -15.73
CA GLY B 132 2.22 25.29 -16.48
C GLY B 132 3.50 25.47 -15.70
N ARG B 133 3.56 25.00 -14.46
CA ARG B 133 4.78 25.16 -13.62
C ARG B 133 5.46 23.84 -13.32
N GLY B 134 4.85 22.70 -13.68
CA GLY B 134 5.40 21.40 -13.30
C GLY B 134 5.08 21.01 -11.87
N ALA B 135 5.54 19.84 -11.51
CA ALA B 135 5.20 19.18 -10.23
C ALA B 135 6.46 18.96 -9.42
N ALA B 136 6.29 18.93 -8.09
CA ALA B 136 7.36 18.60 -7.15
C ALA B 136 6.89 17.64 -6.08
N LEU B 137 7.83 16.87 -5.57
CA LEU B 137 7.68 16.11 -4.30
C LEU B 137 8.69 16.66 -3.31
N ASN B 138 8.21 17.36 -2.30
CA ASN B 138 9.05 17.99 -1.27
C ASN B 138 10.10 18.88 -1.92
N GLY B 139 9.71 19.54 -3.02
CA GLY B 139 10.60 20.53 -3.64
C GLY B 139 11.43 20.02 -4.79
N ARG B 140 11.47 18.73 -5.03
CA ARG B 140 12.25 18.15 -6.15
C ARG B 140 11.28 17.98 -7.34
N ARG B 141 11.65 18.42 -8.53
CA ARG B 141 10.83 18.25 -9.76
C ARG B 141 10.45 16.77 -9.90
N LEU B 142 9.20 16.54 -10.32
CA LEU B 142 8.62 15.21 -10.63
C LEU B 142 8.60 14.99 -12.13
N ARG B 143 8.92 13.77 -12.56
CA ARG B 143 8.70 13.32 -13.95
C ARG B 143 8.02 11.96 -13.94
N VAL B 144 7.07 11.79 -14.85
CA VAL B 144 6.51 10.43 -15.04
C VAL B 144 7.60 9.48 -15.52
N SER B 145 7.38 8.21 -15.29
CA SER B 145 8.33 7.16 -15.68
C SER B 145 8.52 7.16 -17.20
N GLY B 146 9.56 6.49 -17.64
CA GLY B 146 9.91 6.39 -19.06
C GLY B 146 9.51 5.09 -19.72
N ARG B 147 8.96 4.15 -18.96
CA ARG B 147 8.66 2.80 -19.50
C ARG B 147 7.87 2.92 -20.81
N LYS B 148 8.28 2.10 -21.76
CA LYS B 148 7.84 2.22 -23.17
C LYS B 148 6.61 1.37 -23.45
N SER B 149 6.26 0.44 -22.57
CA SER B 149 5.07 -0.42 -22.80
C SER B 149 4.62 -0.99 -21.47
N LEU B 150 3.54 -1.76 -21.50
CA LEU B 150 3.04 -2.40 -20.27
C LEU B 150 3.90 -3.59 -19.86
N GLU B 151 4.86 -4.00 -20.69
CA GLU B 151 5.75 -5.12 -20.32
C GLU B 151 6.53 -4.74 -19.07
N GLY B 152 6.31 -5.49 -18.00
CA GLY B 152 6.95 -5.21 -16.71
C GLY B 152 6.44 -3.97 -16.00
N ALA B 153 5.33 -3.41 -16.44
CA ALA B 153 4.78 -2.19 -15.82
C ALA B 153 4.19 -2.48 -14.44
N LEU B 154 4.27 -1.48 -13.58
CA LEU B 154 3.58 -1.53 -12.26
C LEU B 154 2.43 -0.55 -12.31
N LEU B 155 1.23 -1.08 -12.23
CA LEU B 155 0.01 -0.24 -12.36
C LEU B 155 -0.61 -0.04 -11.00
N GLY B 156 -1.39 1.04 -10.92
CA GLY B 156 -2.26 1.28 -9.77
C GLY B 156 -3.70 1.10 -10.13
N THR B 157 -4.54 0.74 -9.17
CA THR B 157 -5.97 0.63 -9.45
C THR B 157 -6.76 0.63 -8.17
N GLY B 158 -8.06 0.52 -8.28
CA GLY B 158 -8.99 0.58 -7.15
C GLY B 158 -10.42 0.36 -7.57
N PHE B 159 -11.21 -0.20 -6.67
CA PHE B 159 -12.63 -0.47 -6.89
C PHE B 159 -13.44 0.06 -5.71
N PRO B 160 -13.88 1.34 -5.69
CA PRO B 160 -14.33 1.99 -4.46
C PRO B 160 -15.77 1.81 -3.98
N PHE B 161 -16.43 0.72 -4.39
CA PHE B 161 -17.91 0.69 -4.29
C PHE B 161 -18.36 -0.02 -3.03
N ARG B 162 -18.04 -1.30 -2.92
CA ARG B 162 -18.41 -2.13 -1.76
C ARG B 162 -19.92 -2.03 -1.58
N ASP B 163 -20.61 -2.32 -2.68
CA ASP B 163 -22.08 -2.51 -2.73
C ASP B 163 -22.37 -3.83 -3.46
N ASN B 164 -23.65 -4.06 -3.82
CA ASN B 164 -24.06 -4.79 -5.05
C ASN B 164 -23.91 -3.80 -6.20
N GLN B 165 -23.13 -4.21 -7.18
CA GLN B 165 -22.86 -3.52 -8.46
C GLN B 165 -22.18 -4.57 -9.33
N ILE B 166 -22.92 -5.59 -9.74
CA ILE B 166 -22.28 -6.83 -10.29
C ILE B 166 -21.82 -6.56 -11.72
N ASP B 167 -22.55 -5.70 -12.45
CA ASP B 167 -22.19 -5.26 -13.83
C ASP B 167 -20.77 -4.71 -13.78
N ASN B 168 -20.62 -3.60 -13.05
CA ASN B 168 -19.34 -2.85 -12.89
C ASN B 168 -18.25 -3.84 -12.53
N LEU B 169 -18.44 -4.54 -11.41
CA LEU B 169 -17.46 -5.50 -10.85
C LEU B 169 -16.88 -6.41 -11.95
N ASP B 170 -17.74 -7.14 -12.62
CA ASP B 170 -17.34 -8.06 -13.71
C ASP B 170 -16.49 -7.31 -14.73
N ASN B 171 -17.00 -6.19 -15.22
CA ASN B 171 -16.24 -5.40 -16.21
C ASN B 171 -14.84 -5.12 -15.69
N TYR B 172 -14.77 -4.61 -14.48
CA TYR B 172 -13.48 -4.34 -13.83
C TYR B 172 -12.60 -5.57 -13.84
N LEU B 173 -13.12 -6.69 -13.37
CA LEU B 173 -12.30 -7.92 -13.26
C LEU B 173 -11.90 -8.38 -14.64
N ASN B 174 -12.69 -8.05 -15.65
CA ASN B 174 -12.25 -8.34 -17.04
C ASN B 174 -11.07 -7.44 -17.42
N MET B 175 -11.21 -6.14 -17.18
CA MET B 175 -10.09 -5.21 -17.40
C MET B 175 -8.83 -5.75 -16.71
N PHE B 176 -8.91 -5.89 -15.40
CA PHE B 176 -7.85 -6.46 -14.55
C PHE B 176 -7.24 -7.69 -15.22
N ARG B 177 -8.07 -8.63 -15.65
CA ARG B 177 -7.56 -9.90 -16.16
C ARG B 177 -6.68 -9.68 -17.36
N SER B 178 -7.10 -8.81 -18.27
CA SER B 178 -6.35 -8.61 -19.52
C SER B 178 -4.99 -7.97 -19.23
N LEU B 179 -4.84 -7.32 -18.08
CA LEU B 179 -3.63 -6.55 -17.77
C LEU B 179 -2.60 -7.44 -17.06
N VAL B 180 -3.06 -8.59 -16.61
CA VAL B 180 -2.24 -9.42 -15.68
C VAL B 180 -1.04 -10.02 -16.41
N GLY B 181 -1.16 -10.36 -17.68
CA GLY B 181 -0.08 -11.04 -18.40
C GLY B 181 1.16 -10.18 -18.58
N GLN B 182 0.96 -8.95 -19.06
CA GLN B 182 2.10 -8.08 -19.42
C GLN B 182 2.73 -7.49 -18.17
N THR B 183 1.92 -7.00 -17.24
CA THR B 183 2.45 -6.14 -16.16
C THR B 183 3.26 -6.97 -15.18
N ALA B 184 4.18 -6.31 -14.48
CA ALA B 184 4.91 -6.91 -13.36
C ALA B 184 4.02 -6.94 -12.12
N GLY B 185 3.07 -6.03 -12.03
CA GLY B 185 2.15 -6.02 -10.89
C GLY B 185 1.07 -5.01 -11.08
N ILE B 186 -0.04 -5.26 -10.38
CA ILE B 186 -1.10 -4.28 -10.11
C ILE B 186 -1.16 -4.09 -8.60
N ARG B 187 -1.26 -2.84 -8.17
CA ARG B 187 -1.36 -2.47 -6.77
C ARG B 187 -2.70 -1.81 -6.46
N ARG B 188 -3.28 -2.19 -5.34
CA ARG B 188 -4.53 -1.62 -4.82
C ARG B 188 -4.27 -1.10 -3.40
N ALA B 189 -3.82 0.14 -3.31
CA ALA B 189 -3.26 0.73 -2.09
C ALA B 189 -4.31 1.43 -1.25
N GLY B 190 -5.36 1.96 -1.92
CA GLY B 190 -6.57 2.47 -1.23
C GLY B 190 -6.64 3.96 -1.06
N ALA B 191 -6.02 4.75 -1.90
CA ALA B 191 -6.18 6.21 -1.88
C ALA B 191 -5.84 6.71 -3.27
N ALA B 192 -6.87 7.12 -4.02
CA ALA B 192 -6.65 7.44 -5.45
C ALA B 192 -5.79 8.68 -5.60
N SER B 193 -5.84 9.61 -4.68
CA SER B 193 -4.98 10.80 -4.81
C SER B 193 -3.51 10.40 -4.70
N LEU B 194 -3.20 9.45 -3.83
CA LEU B 194 -1.80 8.96 -3.73
C LEU B 194 -1.45 8.13 -4.95
N ASP B 195 -2.42 7.40 -5.52
CA ASP B 195 -2.12 6.62 -6.74
C ASP B 195 -1.78 7.55 -7.88
N LEU B 196 -2.52 8.63 -8.04
CA LEU B 196 -2.20 9.62 -9.09
C LEU B 196 -0.87 10.31 -8.80
N ALA B 197 -0.62 10.67 -7.55
CA ALA B 197 0.68 11.29 -7.19
C ALA B 197 1.82 10.32 -7.53
N TYR B 198 1.59 9.03 -7.33
CA TYR B 198 2.64 8.04 -7.60
C TYR B 198 2.87 7.87 -9.10
N VAL B 199 1.80 7.98 -9.90
CA VAL B 199 1.96 8.08 -11.36
C VAL B 199 2.86 9.28 -11.67
N ALA B 200 2.57 10.42 -11.06
CA ALA B 200 3.30 11.68 -11.34
C ALA B 200 4.77 11.54 -10.98
N ALA B 201 5.07 10.85 -9.90
CA ALA B 201 6.47 10.73 -9.44
C ALA B 201 7.22 9.63 -10.16
N GLY B 202 6.56 8.86 -11.01
CA GLY B 202 7.19 7.74 -11.70
C GLY B 202 7.14 6.44 -10.95
N ARG B 203 6.40 6.37 -9.85
CA ARG B 203 6.35 5.17 -9.00
C ARG B 203 5.38 4.15 -9.56
N TYR B 204 4.26 4.60 -10.14
CA TYR B 204 3.42 3.76 -10.99
C TYR B 204 3.56 4.19 -12.43
N ASP B 205 3.49 3.25 -13.35
CA ASP B 205 3.58 3.60 -14.78
C ASP B 205 2.22 4.07 -15.35
N ALA B 206 1.16 3.57 -14.74
CA ALA B 206 -0.20 4.05 -15.08
C ALA B 206 -1.15 3.60 -13.95
N PHE B 207 -2.38 4.05 -14.12
CA PHE B 207 -3.44 3.90 -13.09
C PHE B 207 -4.77 4.02 -13.80
N TRP B 208 -5.72 3.19 -13.40
CA TRP B 208 -7.12 3.35 -13.83
C TRP B 208 -8.03 2.99 -12.69
N GLU B 209 -9.15 3.72 -12.59
CA GLU B 209 -10.19 3.46 -11.59
C GLU B 209 -11.48 4.10 -12.06
N PHE B 210 -12.62 3.51 -11.70
CA PHE B 210 -13.92 4.17 -11.88
C PHE B 210 -14.63 4.22 -10.54
N GLY B 211 -15.68 5.05 -10.51
CA GLY B 211 -16.45 5.31 -9.28
C GLY B 211 -15.86 6.37 -8.38
N LEU B 212 -14.91 7.15 -8.85
CA LEU B 212 -14.30 8.20 -8.02
C LEU B 212 -15.14 9.47 -8.02
N SER B 213 -14.84 10.29 -7.02
CA SER B 213 -15.40 11.66 -6.84
C SER B 213 -14.37 12.69 -7.25
N GLU B 214 -14.84 13.87 -7.64
CA GLU B 214 -13.97 14.96 -8.07
C GLU B 214 -12.81 15.23 -7.10
N TRP B 215 -13.08 15.34 -5.81
CA TRP B 215 -12.04 15.66 -4.81
C TRP B 215 -10.96 14.58 -4.77
N ASP B 216 -11.31 13.36 -5.12
CA ASP B 216 -10.26 12.30 -5.19
C ASP B 216 -9.31 12.47 -6.37
N MET B 217 -9.77 13.05 -7.48
CA MET B 217 -9.00 13.06 -8.76
C MET B 217 -8.33 14.40 -9.05
N ALA B 218 -8.93 15.51 -8.63
CA ALA B 218 -8.56 16.85 -9.12
C ALA B 218 -7.06 17.11 -8.93
N ALA B 219 -6.59 17.05 -7.69
CA ALA B 219 -5.19 17.39 -7.40
C ALA B 219 -4.27 16.42 -8.12
N GLY B 220 -4.52 15.11 -8.00
CA GLY B 220 -3.62 14.12 -8.59
C GLY B 220 -3.55 14.21 -10.09
N ALA B 221 -4.66 14.55 -10.73
CA ALA B 221 -4.69 14.75 -12.19
C ALA B 221 -3.77 15.91 -12.58
N LEU B 222 -3.85 17.01 -11.85
CA LEU B 222 -2.94 18.12 -12.17
C LEU B 222 -1.49 17.67 -11.96
N LEU B 223 -1.24 16.92 -10.88
CA LEU B 223 0.12 16.40 -10.64
C LEU B 223 0.62 15.60 -11.85
N VAL B 224 -0.19 14.70 -12.36
CA VAL B 224 0.23 13.85 -13.51
C VAL B 224 0.50 14.73 -14.73
N GLN B 225 -0.43 15.62 -15.05
CA GLN B 225 -0.26 16.50 -16.23
C GLN B 225 1.05 17.28 -16.12
N GLU B 226 1.25 17.90 -14.97
CA GLU B 226 2.44 18.77 -14.78
C GLU B 226 3.72 17.96 -14.69
N ALA B 227 3.65 16.66 -14.39
CA ALA B 227 4.83 15.80 -14.41
C ALA B 227 5.13 15.23 -15.79
N GLY B 228 4.34 15.63 -16.79
CA GLY B 228 4.55 15.17 -18.17
C GLY B 228 3.73 13.97 -18.56
N GLY B 229 2.71 13.60 -17.78
CA GLY B 229 1.88 12.44 -18.08
C GLY B 229 0.62 12.81 -18.81
N LEU B 230 -0.23 11.81 -19.02
CA LEU B 230 -1.53 11.99 -19.67
C LEU B 230 -2.65 11.49 -18.76
N VAL B 231 -3.79 12.16 -18.85
CA VAL B 231 -4.96 11.86 -17.98
C VAL B 231 -6.23 12.04 -18.80
N SER B 232 -7.14 11.08 -18.71
CA SER B 232 -8.45 11.15 -19.40
C SER B 232 -9.46 10.29 -18.66
N ASP B 233 -10.66 10.25 -19.18
CA ASP B 233 -11.67 9.28 -18.70
C ASP B 233 -11.49 7.98 -19.51
N PHE B 234 -12.37 7.03 -19.30
CA PHE B 234 -12.25 5.69 -19.90
C PHE B 234 -12.44 5.74 -21.41
N THR B 235 -13.11 6.78 -21.89
CA THR B 235 -13.42 6.94 -23.32
C THR B 235 -12.34 7.73 -24.03
N GLY B 236 -11.39 8.31 -23.30
CA GLY B 236 -10.29 9.06 -23.93
C GLY B 236 -10.53 10.54 -23.93
N SER B 237 -11.67 10.99 -23.43
CA SER B 237 -12.00 12.43 -23.40
C SER B 237 -11.56 13.01 -22.07
N HIS B 238 -11.77 14.30 -21.89
CA HIS B 238 -11.31 15.00 -20.67
C HIS B 238 -12.47 15.30 -19.72
N GLU B 239 -13.38 14.36 -19.54
CA GLU B 239 -14.49 14.61 -18.58
C GLU B 239 -14.36 13.65 -17.38
N PHE B 240 -13.13 13.40 -16.98
CA PHE B 240 -12.88 12.49 -15.84
C PHE B 240 -13.43 13.05 -14.53
N LEU B 241 -13.30 14.35 -14.31
CA LEU B 241 -13.73 14.95 -13.04
C LEU B 241 -15.22 14.71 -12.84
N GLU B 242 -15.97 14.81 -13.95
CA GLU B 242 -17.43 14.75 -13.91
C GLU B 242 -17.92 13.31 -13.89
N LYS B 243 -17.26 12.43 -14.63
CA LYS B 243 -17.75 11.05 -14.84
C LYS B 243 -17.26 10.09 -13.75
N GLY B 244 -16.12 10.38 -13.15
CA GLY B 244 -15.62 9.56 -12.05
C GLY B 244 -14.75 8.38 -12.47
N HIS B 245 -14.54 8.17 -13.77
CA HIS B 245 -13.59 7.15 -14.25
C HIS B 245 -12.40 7.83 -14.87
N ILE B 246 -11.22 7.28 -14.59
CA ILE B 246 -9.97 7.95 -14.92
C ILE B 246 -8.92 6.93 -15.32
N VAL B 247 -8.20 7.28 -16.37
CA VAL B 247 -6.92 6.65 -16.77
C VAL B 247 -5.84 7.71 -16.70
N ALA B 248 -4.76 7.43 -16.02
CA ALA B 248 -3.59 8.32 -15.98
C ALA B 248 -2.32 7.51 -16.14
N GLY B 249 -1.34 8.08 -16.80
CA GLY B 249 -0.08 7.34 -16.94
C GLY B 249 0.99 8.15 -17.59
N ASN B 250 2.14 7.52 -17.75
CA ASN B 250 3.15 8.06 -18.68
C ASN B 250 2.55 7.97 -20.08
N THR B 251 3.25 8.50 -21.08
CA THR B 251 2.63 8.60 -22.42
C THR B 251 2.29 7.24 -22.97
N LYS B 252 3.27 6.36 -23.07
CA LYS B 252 3.08 5.04 -23.72
C LYS B 252 2.14 4.16 -22.91
N CYS B 253 2.32 4.13 -21.61
CA CYS B 253 1.53 3.24 -20.72
C CYS B 253 0.10 3.76 -20.58
N PHE B 254 -0.08 5.09 -20.56
CA PHE B 254 -1.46 5.63 -20.64
C PHE B 254 -2.13 5.11 -21.91
N LYS B 255 -1.45 5.26 -23.05
CA LYS B 255 -2.08 4.87 -24.33
C LYS B 255 -2.40 3.39 -24.35
N ALA B 256 -1.44 2.56 -23.95
CA ALA B 256 -1.64 1.10 -23.95
C ALA B 256 -2.77 0.70 -23.01
N LEU B 257 -2.83 1.32 -21.83
CA LEU B 257 -3.88 0.98 -20.83
C LEU B 257 -5.26 1.35 -21.38
N LEU B 258 -5.38 2.53 -21.97
CA LEU B 258 -6.65 2.97 -22.58
C LEU B 258 -7.10 1.97 -23.65
N THR B 259 -6.20 1.66 -24.57
CA THR B 259 -6.49 0.66 -25.62
C THR B 259 -6.94 -0.66 -24.99
N THR B 260 -6.23 -1.11 -23.97
CA THR B 260 -6.52 -2.42 -23.34
C THR B 260 -7.93 -2.41 -22.75
N ILE B 261 -8.35 -1.30 -22.16
CA ILE B 261 -9.67 -1.32 -21.52
C ILE B 261 -10.82 -1.10 -22.52
N GLN B 262 -10.55 -0.56 -23.69
CA GLN B 262 -11.63 -0.37 -24.71
C GLN B 262 -12.54 -1.58 -24.92
N PRO B 263 -12.04 -2.82 -25.12
CA PRO B 263 -12.92 -3.97 -25.35
C PRO B 263 -13.95 -4.27 -24.24
N HIS B 264 -13.69 -3.77 -23.03
CA HIS B 264 -14.54 -4.08 -21.86
C HIS B 264 -15.44 -2.91 -21.48
N LEU B 265 -15.61 -1.93 -22.36
CA LEU B 265 -16.72 -0.91 -22.40
C LEU B 265 -17.58 -1.17 -23.64
N PRO B 266 -18.79 -0.56 -23.78
CA PRO B 266 -19.54 -0.59 -25.03
C PRO B 266 -18.90 0.26 -26.13
S1 DTV C . -1.75 -0.29 1.82
C1 DTV C . -0.11 -0.27 1.02
C2 DTV C . 0.54 1.10 0.92
O2 DTV C . 1.30 1.35 2.11
C3 DTV C . 1.53 1.25 -0.24
O3 DTV C . 2.13 2.55 -0.12
C4 DTV C . 0.95 1.10 -1.63
S4 DTV C . 1.98 0.09 -2.71
OAA GDE D . -10.30 -2.91 -4.51
OAB GDE D . -11.52 -3.40 -2.76
OAC GDE D . -9.32 1.98 -4.08
OAD GDE D . -12.05 0.91 -0.28
OAE GDE D . -10.68 2.76 -1.78
CAF GDE D . -10.06 -0.25 -3.74
CAG GDE D . -11.45 -0.80 -1.83
CAH GDE D . -10.86 -2.62 -3.44
CAI GDE D . -10.03 1.06 -3.35
CAJ GDE D . -11.41 0.52 -1.44
CAK GDE D . -10.77 -1.19 -2.99
CAL GDE D . -10.71 1.46 -2.19
#